data_9CY9
#
_entry.id   9CY9
#
_cell.length_a   38.700
_cell.length_b   83.200
_cell.length_c   49.400
_cell.angle_alpha   90.000
_cell.angle_beta   99.270
_cell.angle_gamma   90.000
#
_symmetry.space_group_name_H-M   'P 1 21 1'
#
loop_
_entity.id
_entity.type
_entity.pdbx_description
1 polymer 'Biofilm regulatory protein A'
2 water water
#
_entity_poly.entity_id   1
_entity_poly.type   'polypeptide(L)'
_entity_poly.pdbx_seq_one_letter_code
;MASYNFSLGEFSKTFKDYGTGSGKDVIADEKPFSILLMGVDTGSSERTSKWEGNSDSMILVTVNPKTKKTTMTSLERDIL
VKLSGSKTNDQTGYDAKLNAAYAAGGAKMAIMTVQDMLDIKIDKYVQINMEGLVQLVDAVGGITVTNHFDFPISIEEHEP
EFTASVEPGTHKINGEQALVYSRMRYDDPDGDYGRQKRQREVISKVLKKILALDSVSKYRKILSAVSKNMQTNIEISSST
IPKLLGYSDALKSIRTYQLKGEGTTIDGGSYQLVTSKELLKAQNRIKGQLGLKKSTAENLKTTASLYENFYGGDTSIYDS
SSSASDYSSSGNYSGSSSDYGSSSSYGSNSSSGSSSDYSGQNSYNQGNYQQPAAGTGIGNLEHHHHHH
;
_entity_poly.pdbx_strand_id   A
#
# COMPACT_ATOMS: atom_id res chain seq x y z
N GLU A 30 -22.50 -1.90 -8.86
CA GLU A 30 -22.84 -1.41 -7.53
C GLU A 30 -22.24 -2.29 -6.43
N LYS A 31 -21.68 -3.43 -6.84
CA LYS A 31 -21.17 -4.41 -5.88
C LYS A 31 -19.87 -3.92 -5.25
N PRO A 32 -19.71 -4.03 -3.94
CA PRO A 32 -18.42 -3.65 -3.34
C PRO A 32 -17.31 -4.56 -3.85
N PHE A 33 -16.09 -4.01 -3.94
CA PHE A 33 -14.94 -4.78 -4.41
C PHE A 33 -13.68 -4.39 -3.66
N SER A 34 -12.66 -5.25 -3.77
CA SER A 34 -11.39 -5.08 -3.09
C SER A 34 -10.28 -4.83 -4.10
N ILE A 35 -9.27 -4.09 -3.68
CA ILE A 35 -8.07 -3.80 -4.44
C ILE A 35 -6.87 -4.10 -3.55
N LEU A 36 -5.93 -4.90 -4.03
CA LEU A 36 -4.65 -5.05 -3.34
C LEU A 36 -3.69 -4.04 -3.95
N LEU A 37 -3.20 -3.10 -3.13
CA LEU A 37 -2.11 -2.21 -3.53
C LEU A 37 -0.79 -2.83 -3.11
N MET A 38 0.07 -3.12 -4.08
CA MET A 38 1.34 -3.78 -3.84
C MET A 38 2.45 -2.78 -4.13
N GLY A 39 3.04 -2.23 -3.07
CA GLY A 39 4.15 -1.32 -3.23
C GLY A 39 5.45 -2.10 -3.17
N VAL A 40 6.14 -2.19 -4.30
CA VAL A 40 7.33 -3.03 -4.42
C VAL A 40 8.53 -2.19 -4.01
N ASP A 41 9.11 -2.52 -2.86
CA ASP A 41 10.22 -1.80 -2.25
C ASP A 41 9.93 -0.31 -2.11
N THR A 42 8.71 0.00 -1.70
CA THR A 42 8.28 1.38 -1.54
C THR A 42 8.28 1.83 -0.09
N GLY A 43 8.59 0.94 0.86
CA GLY A 43 8.39 1.21 2.26
C GLY A 43 9.58 1.85 2.93
N SER A 44 9.46 2.04 4.24
CA SER A 44 10.57 2.55 5.05
C SER A 44 10.66 1.76 6.36
N GLU A 52 16.20 -7.10 4.48
CA GLU A 52 16.89 -5.82 4.38
C GLU A 52 16.98 -5.42 2.91
N GLY A 53 16.89 -6.40 2.01
CA GLY A 53 16.99 -6.13 0.58
C GLY A 53 15.79 -5.41 -0.01
N ASN A 54 14.67 -5.36 0.70
CA ASN A 54 13.49 -4.67 0.20
C ASN A 54 12.57 -4.36 1.37
N SER A 55 11.72 -3.34 1.19
CA SER A 55 10.68 -2.99 2.16
C SER A 55 9.38 -2.80 1.37
N ASP A 56 8.59 -3.87 1.27
CA ASP A 56 7.35 -3.79 0.52
C ASP A 56 6.23 -3.23 1.39
N SER A 57 5.21 -2.70 0.73
CA SER A 57 3.99 -2.35 1.44
C SER A 57 2.79 -2.96 0.73
N MET A 58 1.88 -3.51 1.52
CA MET A 58 0.68 -4.15 1.03
C MET A 58 -0.51 -3.49 1.72
N ILE A 59 -1.45 -2.99 0.93
CA ILE A 59 -2.65 -2.34 1.43
C ILE A 59 -3.87 -2.98 0.81
N LEU A 60 -4.81 -3.42 1.63
CA LEU A 60 -6.05 -3.99 1.12
C LEU A 60 -7.10 -2.88 1.21
N VAL A 61 -7.66 -2.51 0.07
CA VAL A 61 -8.65 -1.45 -0.05
C VAL A 61 -10.01 -2.07 -0.29
N THR A 62 -11.03 -1.60 0.41
CA THR A 62 -12.42 -1.91 0.06
C THR A 62 -13.08 -0.68 -0.52
N VAL A 63 -13.90 -0.87 -1.55
CA VAL A 63 -14.62 0.22 -2.20
C VAL A 63 -16.08 -0.20 -2.34
N ASN A 64 -16.99 0.62 -1.81
CA ASN A 64 -18.40 0.48 -2.13
C ASN A 64 -18.74 1.48 -3.23
N PRO A 65 -18.99 1.03 -4.46
CA PRO A 65 -19.26 1.99 -5.55
C PRO A 65 -20.57 2.73 -5.40
N LYS A 66 -21.51 2.20 -4.60
CA LYS A 66 -22.81 2.86 -4.46
C LYS A 66 -22.74 4.01 -3.46
N THR A 67 -22.26 3.74 -2.25
CA THR A 67 -22.12 4.76 -1.21
C THR A 67 -20.82 5.55 -1.30
N LYS A 68 -19.83 5.06 -2.06
CA LYS A 68 -18.47 5.61 -2.16
C LYS A 68 -17.64 5.43 -0.88
N LYS A 69 -18.12 4.65 0.08
CA LYS A 69 -17.34 4.44 1.29
C LYS A 69 -16.12 3.57 0.96
N THR A 70 -14.96 3.99 1.44
CA THR A 70 -13.69 3.33 1.14
C THR A 70 -12.91 3.11 2.43
N THR A 71 -12.24 1.98 2.55
CA THR A 71 -11.36 1.73 3.69
C THR A 71 -10.05 1.13 3.19
N MET A 72 -8.99 1.32 3.98
CA MET A 72 -7.67 0.83 3.60
C MET A 72 -7.06 0.15 4.81
N THR A 73 -6.65 -1.10 4.67
CA THR A 73 -6.00 -1.83 5.75
C THR A 73 -4.55 -2.10 5.37
N SER A 74 -3.60 -1.53 6.13
CA SER A 74 -2.20 -1.78 5.89
C SER A 74 -1.80 -3.10 6.56
N LEU A 75 -1.09 -3.95 5.83
CA LEU A 75 -0.65 -5.27 6.32
C LEU A 75 0.83 -5.19 6.64
N GLU A 76 1.21 -5.36 7.90
CA GLU A 76 2.61 -5.21 8.29
C GLU A 76 3.49 -6.19 7.54
N ARG A 77 4.57 -5.68 6.92
CA ARG A 77 5.42 -6.55 6.11
C ARG A 77 6.10 -7.65 6.90
N ASP A 78 6.29 -7.49 8.21
CA ASP A 78 6.95 -8.51 9.01
C ASP A 78 6.04 -9.65 9.46
N ILE A 79 4.76 -9.66 9.08
CA ILE A 79 3.84 -10.71 9.50
C ILE A 79 4.25 -12.06 8.90
N LEU A 80 4.34 -13.09 9.74
CA LEU A 80 4.74 -14.43 9.32
C LEU A 80 3.55 -15.19 8.75
N VAL A 81 3.72 -15.73 7.54
CA VAL A 81 2.65 -16.42 6.83
C VAL A 81 3.24 -17.60 6.06
N LYS A 82 2.37 -18.55 5.71
CA LYS A 82 2.72 -19.58 4.76
C LYS A 82 2.43 -19.04 3.36
N LEU A 83 3.45 -19.03 2.49
CA LEU A 83 3.28 -18.43 1.17
C LEU A 83 2.35 -19.28 0.29
N SER A 84 1.44 -18.61 -0.41
CA SER A 84 0.63 -19.23 -1.45
C SER A 84 1.04 -18.73 -2.83
N GLY A 85 0.92 -19.60 -3.83
CA GLY A 85 1.33 -19.24 -5.18
C GLY A 85 1.29 -20.44 -6.09
N SER A 86 2.02 -20.34 -7.19
CA SER A 86 2.04 -21.42 -8.17
C SER A 86 2.70 -22.66 -7.58
N LYS A 87 2.18 -23.84 -7.96
CA LYS A 87 2.72 -25.10 -7.45
C LYS A 87 4.14 -25.35 -7.91
N THR A 88 4.58 -24.70 -8.97
CA THR A 88 5.95 -24.87 -9.47
C THR A 88 6.93 -23.91 -8.81
N ASN A 89 6.45 -22.99 -7.96
CA ASN A 89 7.36 -22.10 -7.24
C ASN A 89 7.96 -22.82 -6.04
N ASP A 90 9.30 -22.82 -5.97
CA ASP A 90 10.03 -23.51 -4.92
C ASP A 90 9.66 -23.04 -3.52
N GLN A 91 9.13 -21.83 -3.37
CA GLN A 91 8.85 -21.28 -2.06
C GLN A 91 7.38 -21.35 -1.68
N THR A 92 6.51 -21.76 -2.59
CA THR A 92 5.09 -21.94 -2.28
C THR A 92 4.94 -22.98 -1.18
N GLY A 93 4.16 -22.62 -0.15
CA GLY A 93 3.88 -23.55 0.91
C GLY A 93 4.84 -23.51 2.09
N TYR A 94 5.82 -22.62 2.08
CA TYR A 94 6.75 -22.44 3.18
C TYR A 94 6.50 -21.12 3.88
N ASP A 95 6.89 -21.05 5.16
CA ASP A 95 6.66 -19.87 5.98
C ASP A 95 7.68 -18.77 5.67
N ALA A 96 7.18 -17.53 5.60
CA ALA A 96 8.02 -16.37 5.32
C ALA A 96 7.28 -15.13 5.77
N LYS A 97 8.02 -14.02 5.84
CA LYS A 97 7.37 -12.72 6.01
C LYS A 97 6.52 -12.40 4.79
N LEU A 98 5.46 -11.60 5.00
CA LEU A 98 4.76 -11.02 3.86
C LEU A 98 5.72 -10.24 2.97
N ASN A 99 6.73 -9.62 3.57
CA ASN A 99 7.75 -8.87 2.85
C ASN A 99 8.47 -9.69 1.78
N ALA A 100 8.43 -11.01 1.87
CA ALA A 100 9.14 -11.86 0.92
C ALA A 100 8.28 -12.31 -0.24
N ALA A 101 6.95 -12.08 -0.20
CA ALA A 101 6.04 -12.72 -1.13
C ALA A 101 6.28 -12.27 -2.57
N TYR A 102 6.41 -10.96 -2.80
CA TYR A 102 6.56 -10.51 -4.16
C TYR A 102 7.93 -10.91 -4.72
N ALA A 103 8.97 -10.84 -3.89
CA ALA A 103 10.30 -11.25 -4.36
C ALA A 103 10.36 -12.73 -4.67
N ALA A 104 9.55 -13.54 -3.99
CA ALA A 104 9.59 -14.99 -4.21
C ALA A 104 8.77 -15.42 -5.41
N GLY A 105 7.68 -14.73 -5.73
CA GLY A 105 6.78 -15.23 -6.74
C GLY A 105 5.99 -14.18 -7.51
N GLY A 106 6.37 -12.91 -7.39
CA GLY A 106 5.71 -11.94 -8.25
C GLY A 106 4.28 -11.60 -7.81
N ALA A 107 3.56 -10.97 -8.73
CA ALA A 107 2.20 -10.53 -8.43
C ALA A 107 1.30 -11.69 -8.01
N LYS A 108 1.44 -12.85 -8.67
CA LYS A 108 0.58 -13.98 -8.34
C LYS A 108 0.77 -14.43 -6.90
N MET A 109 2.02 -14.53 -6.45
CA MET A 109 2.25 -14.99 -5.08
C MET A 109 1.76 -13.95 -4.09
N ALA A 110 1.96 -12.66 -4.39
CA ALA A 110 1.47 -11.63 -3.48
C ALA A 110 -0.05 -11.65 -3.38
N ILE A 111 -0.74 -11.79 -4.52
CA ILE A 111 -2.19 -11.81 -4.51
C ILE A 111 -2.69 -13.04 -3.76
N MET A 112 -2.13 -14.20 -4.09
CA MET A 112 -2.61 -15.45 -3.52
C MET A 112 -2.31 -15.53 -2.03
N THR A 113 -1.18 -14.97 -1.61
CA THR A 113 -0.82 -14.98 -0.19
C THR A 113 -1.76 -14.09 0.62
N VAL A 114 -2.00 -12.87 0.14
CA VAL A 114 -2.95 -11.98 0.84
C VAL A 114 -4.35 -12.57 0.83
N GLN A 115 -4.78 -13.17 -0.28
CA GLN A 115 -6.10 -13.78 -0.35
C GLN A 115 -6.28 -14.86 0.71
N ASP A 116 -5.27 -15.71 0.86
CA ASP A 116 -5.37 -16.82 1.80
C ASP A 116 -5.15 -16.36 3.24
N MET A 117 -4.38 -15.28 3.44
CA MET A 117 -4.24 -14.75 4.79
C MET A 117 -5.54 -14.11 5.29
N LEU A 118 -6.23 -13.39 4.42
CA LEU A 118 -7.45 -12.68 4.81
C LEU A 118 -8.73 -13.45 4.49
N ASP A 119 -8.64 -14.60 3.82
CA ASP A 119 -9.80 -15.44 3.47
C ASP A 119 -10.80 -14.69 2.59
N ILE A 120 -10.28 -13.97 1.58
CA ILE A 120 -11.12 -13.27 0.62
C ILE A 120 -10.53 -13.47 -0.77
N LYS A 121 -11.37 -13.26 -1.78
CA LYS A 121 -10.91 -13.21 -3.16
C LYS A 121 -10.71 -11.76 -3.54
N ILE A 122 -9.51 -11.43 -4.03
CA ILE A 122 -9.15 -10.05 -4.34
C ILE A 122 -9.61 -9.73 -5.76
N ASP A 123 -10.38 -8.65 -5.90
CA ASP A 123 -10.95 -8.30 -7.20
C ASP A 123 -9.93 -7.62 -8.12
N LYS A 124 -9.31 -6.56 -7.63
CA LYS A 124 -8.45 -5.71 -8.44
C LYS A 124 -7.06 -5.58 -7.81
N TYR A 125 -6.09 -5.18 -8.63
CA TYR A 125 -4.69 -5.23 -8.24
C TYR A 125 -3.96 -4.07 -8.89
N VAL A 126 -3.17 -3.35 -8.09
CA VAL A 126 -2.29 -2.26 -8.54
C VAL A 126 -0.92 -2.46 -7.93
N GLN A 127 0.12 -2.51 -8.76
CA GLN A 127 1.47 -2.66 -8.27
C GLN A 127 2.34 -1.53 -8.81
N ILE A 128 3.20 -0.97 -7.97
CA ILE A 128 4.12 0.09 -8.38
C ILE A 128 5.37 0.01 -7.53
N ASN A 129 6.50 0.43 -8.10
CA ASN A 129 7.73 0.45 -7.35
C ASN A 129 8.14 1.90 -7.07
N MET A 130 9.30 2.05 -6.43
CA MET A 130 9.76 3.40 -6.06
C MET A 130 10.06 4.23 -7.29
N GLU A 131 10.65 3.61 -8.32
CA GLU A 131 10.93 4.33 -9.56
C GLU A 131 9.64 4.84 -10.19
N GLY A 132 8.59 4.03 -10.12
CA GLY A 132 7.32 4.41 -10.71
C GLY A 132 6.62 5.50 -9.92
N LEU A 133 6.76 5.51 -8.60
CA LEU A 133 6.15 6.58 -7.80
C LEU A 133 6.79 7.92 -8.11
N VAL A 134 8.11 7.93 -8.29
CA VAL A 134 8.80 9.16 -8.71
C VAL A 134 8.26 9.63 -10.04
N GLN A 135 8.13 8.70 -11.00
CA GLN A 135 7.64 9.05 -12.32
C GLN A 135 6.19 9.52 -12.26
N LEU A 136 5.38 8.94 -11.37
CA LEU A 136 3.98 9.32 -11.28
C LEU A 136 3.82 10.77 -10.80
N VAL A 137 4.60 11.16 -9.80
CA VAL A 137 4.51 12.53 -9.31
C VAL A 137 4.85 13.52 -10.41
N ASP A 138 5.92 13.26 -11.16
CA ASP A 138 6.25 14.15 -12.27
C ASP A 138 5.17 14.12 -13.35
N ALA A 139 4.59 12.94 -13.63
CA ALA A 139 3.62 12.80 -14.70
C ALA A 139 2.32 13.58 -14.44
N VAL A 140 1.94 13.76 -13.17
CA VAL A 140 0.73 14.52 -12.86
C VAL A 140 1.04 16.00 -12.73
N GLY A 141 2.29 16.39 -13.01
CA GLY A 141 2.66 17.78 -12.98
C GLY A 141 3.23 18.24 -11.65
N GLY A 142 3.63 17.32 -10.78
CA GLY A 142 4.11 17.67 -9.46
C GLY A 142 2.97 17.78 -8.47
N ILE A 143 3.33 17.97 -7.21
CA ILE A 143 2.37 18.23 -6.17
C ILE A 143 2.91 19.40 -5.35
N THR A 144 2.03 20.05 -4.62
CA THR A 144 2.39 21.21 -3.80
C THR A 144 2.35 20.83 -2.33
N VAL A 145 3.45 21.11 -1.61
CA VAL A 145 3.52 20.87 -0.18
C VAL A 145 4.10 22.11 0.48
N THR A 146 4.01 22.14 1.80
CA THR A 146 4.59 23.21 2.60
C THR A 146 5.54 22.58 3.61
N ASN A 147 6.80 23.01 3.54
CA ASN A 147 7.79 22.70 4.58
C ASN A 147 7.67 23.76 5.68
N HIS A 148 7.16 23.36 6.84
CA HIS A 148 6.99 24.23 8.01
C HIS A 148 8.23 24.32 8.89
N PHE A 149 9.30 23.59 8.58
CA PHE A 149 10.51 23.63 9.41
C PHE A 149 11.37 24.84 9.05
N ASP A 150 12.32 25.15 9.93
CA ASP A 150 13.26 26.25 9.70
C ASP A 150 14.52 25.80 8.96
N PHE A 151 14.45 24.69 8.24
CA PHE A 151 15.56 24.14 7.49
C PHE A 151 14.97 23.29 6.36
N PRO A 152 15.78 22.88 5.39
CA PRO A 152 15.27 21.99 4.33
C PRO A 152 14.91 20.61 4.86
N ILE A 153 13.86 20.03 4.29
CA ILE A 153 13.56 18.62 4.50
C ILE A 153 14.49 17.82 3.58
N SER A 154 15.39 17.03 4.17
CA SER A 154 16.35 16.25 3.42
C SER A 154 16.80 15.09 4.28
N ILE A 155 17.38 14.07 3.63
CA ILE A 155 17.71 12.84 4.36
C ILE A 155 19.10 12.32 4.02
N GLU A 156 19.93 13.11 3.32
CA GLU A 156 21.15 12.53 2.76
C GLU A 156 22.08 12.06 3.87
N GLU A 157 22.00 12.67 5.06
CA GLU A 157 22.87 12.25 6.17
C GLU A 157 22.61 10.81 6.54
N HIS A 158 21.35 10.38 6.46
CA HIS A 158 20.90 9.07 6.90
C HIS A 158 20.74 8.08 5.76
N GLU A 159 20.37 8.56 4.57
CA GLU A 159 20.21 7.72 3.39
C GLU A 159 20.89 8.43 2.23
N PRO A 160 22.18 8.18 2.03
CA PRO A 160 22.98 9.04 1.13
C PRO A 160 22.63 8.94 -0.35
N GLU A 161 21.90 7.92 -0.78
CA GLU A 161 21.54 7.90 -2.18
C GLU A 161 20.41 8.87 -2.53
N PHE A 162 19.78 9.49 -1.53
CA PHE A 162 18.70 10.45 -1.73
C PHE A 162 19.21 11.83 -1.37
N THR A 163 19.48 12.66 -2.38
CA THR A 163 20.04 13.98 -2.17
C THR A 163 19.04 15.11 -2.39
N ALA A 164 17.86 14.84 -2.95
CA ALA A 164 16.87 15.89 -3.17
C ALA A 164 16.41 16.49 -1.84
N SER A 165 15.80 17.66 -1.92
CA SER A 165 15.38 18.34 -0.69
C SER A 165 14.26 19.32 -1.02
N VAL A 166 13.59 19.76 0.05
CA VAL A 166 12.48 20.70 -0.03
C VAL A 166 12.80 21.87 0.89
N GLU A 167 12.99 23.06 0.31
CA GLU A 167 13.30 24.24 1.09
C GLU A 167 12.11 24.64 1.95
N PRO A 168 12.33 25.44 2.99
CA PRO A 168 11.20 25.96 3.77
C PRO A 168 10.21 26.72 2.89
N GLY A 169 8.95 26.67 3.28
CA GLY A 169 7.90 27.36 2.56
C GLY A 169 7.09 26.40 1.71
N THR A 170 6.29 26.98 0.81
CA THR A 170 5.40 26.22 -0.05
C THR A 170 6.00 26.10 -1.44
N HIS A 171 6.02 24.88 -1.98
CA HIS A 171 6.74 24.60 -3.22
C HIS A 171 6.00 23.52 -4.01
N LYS A 172 6.01 23.66 -5.34
CA LYS A 172 5.60 22.57 -6.22
C LYS A 172 6.80 21.66 -6.45
N ILE A 173 6.71 20.40 -6.00
CA ILE A 173 7.90 19.57 -5.92
C ILE A 173 7.81 18.45 -6.95
N ASN A 174 8.98 17.94 -7.35
CA ASN A 174 9.07 16.82 -8.28
C ASN A 174 9.04 15.48 -7.52
N GLY A 175 9.13 14.38 -8.28
CA GLY A 175 9.04 13.06 -7.66
C GLY A 175 10.19 12.72 -6.72
N GLU A 176 11.42 13.08 -7.07
CA GLU A 176 12.55 12.81 -6.18
C GLU A 176 12.40 13.58 -4.87
N GLN A 177 11.90 14.81 -4.95
CA GLN A 177 11.66 15.59 -3.75
C GLN A 177 10.53 14.98 -2.93
N ALA A 178 9.50 14.47 -3.60
CA ALA A 178 8.37 13.86 -2.92
C ALA A 178 8.78 12.61 -2.17
N LEU A 179 9.72 11.85 -2.72
CA LEU A 179 10.24 10.67 -2.04
C LEU A 179 10.92 11.08 -0.73
N VAL A 180 11.76 12.10 -0.80
CA VAL A 180 12.46 12.60 0.40
C VAL A 180 11.46 13.16 1.41
N TYR A 181 10.50 13.96 0.93
CA TYR A 181 9.47 14.52 1.79
C TYR A 181 8.66 13.45 2.52
N SER A 182 8.41 12.31 1.89
CA SER A 182 7.65 11.26 2.57
C SER A 182 8.51 10.33 3.42
N ARG A 183 9.84 10.42 3.32
CA ARG A 183 10.73 9.56 4.09
C ARG A 183 11.41 10.23 5.29
N MET A 184 11.54 11.57 5.31
CA MET A 184 12.31 12.20 6.39
C MET A 184 11.67 11.95 7.74
N ARG A 185 12.51 11.68 8.75
CA ARG A 185 12.01 11.30 10.06
C ARG A 185 12.85 11.90 11.19
N TYR A 186 14.17 11.88 11.03
CA TYR A 186 15.06 12.19 12.16
C TYR A 186 15.08 13.67 12.49
N ASP A 187 14.74 14.55 11.56
CA ASP A 187 14.67 15.98 11.84
C ASP A 187 13.28 16.42 12.27
N ASP A 188 12.35 15.49 12.41
CA ASP A 188 10.98 15.78 12.79
C ASP A 188 10.80 15.50 14.28
N PRO A 189 10.38 16.45 15.09
CA PRO A 189 10.16 16.17 16.52
C PRO A 189 9.19 15.02 16.75
N ASP A 190 8.25 14.80 15.84
CA ASP A 190 7.27 13.73 15.97
C ASP A 190 7.71 12.44 15.30
N GLY A 191 8.95 12.37 14.83
CA GLY A 191 9.54 11.11 14.40
C GLY A 191 8.74 10.45 13.30
N ASP A 192 8.64 9.12 13.37
CA ASP A 192 7.98 8.35 12.31
C ASP A 192 6.51 8.68 12.21
N TYR A 193 5.92 9.35 13.20
CA TYR A 193 4.53 9.78 13.10
C TYR A 193 4.39 10.99 12.20
N GLY A 194 5.26 11.99 12.36
CA GLY A 194 5.33 13.06 11.39
C GLY A 194 5.62 12.55 9.99
N ARG A 195 6.47 11.52 9.88
CA ARG A 195 6.80 10.95 8.58
C ARG A 195 5.57 10.31 7.95
N GLN A 196 4.83 9.50 8.71
CA GLN A 196 3.64 8.86 8.17
C GLN A 196 2.62 9.88 7.71
N LYS A 197 2.52 11.00 8.42
CA LYS A 197 1.59 12.06 8.03
C LYS A 197 1.99 12.67 6.68
N ARG A 198 3.29 12.96 6.50
CA ARG A 198 3.75 13.53 5.24
C ARG A 198 3.62 12.53 4.09
N GLN A 199 3.91 11.25 4.34
CA GLN A 199 3.70 10.26 3.30
C GLN A 199 2.24 10.15 2.92
N ARG A 200 1.34 10.16 3.92
CA ARG A 200 -0.09 10.19 3.64
C ARG A 200 -0.48 11.39 2.80
N GLU A 201 0.06 12.57 3.13
CA GLU A 201 -0.21 13.76 2.33
C GLU A 201 0.19 13.56 0.88
N VAL A 202 1.36 12.98 0.64
CA VAL A 202 1.87 12.85 -0.73
C VAL A 202 0.99 11.92 -1.53
N ILE A 203 0.67 10.74 -0.98
CA ILE A 203 -0.16 9.79 -1.71
C ILE A 203 -1.55 10.36 -1.95
N SER A 204 -2.10 11.05 -0.95
CA SER A 204 -3.41 11.65 -1.13
C SER A 204 -3.40 12.68 -2.25
N LYS A 205 -2.36 13.52 -2.30
CA LYS A 205 -2.30 14.57 -3.32
C LYS A 205 -2.07 14.00 -4.71
N VAL A 206 -1.32 12.90 -4.81
CA VAL A 206 -1.15 12.25 -6.11
C VAL A 206 -2.45 11.61 -6.55
N LEU A 207 -3.13 10.88 -5.65
CA LEU A 207 -4.40 10.25 -6.01
C LEU A 207 -5.44 11.29 -6.41
N LYS A 208 -5.42 12.45 -5.75
CA LYS A 208 -6.38 13.50 -6.11
C LYS A 208 -6.15 13.96 -7.54
N LYS A 209 -4.89 14.10 -7.96
CA LYS A 209 -4.63 14.53 -9.33
C LYS A 209 -5.03 13.44 -10.33
N ILE A 210 -4.76 12.17 -10.01
CA ILE A 210 -5.11 11.09 -10.94
C ILE A 210 -6.62 11.04 -11.13
N LEU A 211 -7.37 10.97 -10.03
CA LEU A 211 -8.80 10.77 -10.17
C LEU A 211 -9.51 12.00 -10.71
N ALA A 212 -8.85 13.16 -10.74
CA ALA A 212 -9.43 14.34 -11.37
C ALA A 212 -9.30 14.34 -12.89
N LEU A 213 -8.48 13.47 -13.48
CA LEU A 213 -8.33 13.46 -14.93
C LEU A 213 -9.64 13.01 -15.58
N ASP A 214 -10.05 13.75 -16.61
CA ASP A 214 -11.37 13.56 -17.17
C ASP A 214 -11.36 12.97 -18.57
N SER A 215 -10.23 12.44 -19.05
CA SER A 215 -10.17 11.91 -20.40
C SER A 215 -9.17 10.77 -20.45
N VAL A 216 -9.34 9.87 -21.42
CA VAL A 216 -8.45 8.73 -21.45
C VAL A 216 -7.06 9.14 -21.93
N SER A 217 -6.97 10.16 -22.80
CA SER A 217 -5.65 10.61 -23.24
C SER A 217 -4.84 11.15 -22.07
N LYS A 218 -5.49 11.83 -21.14
CA LYS A 218 -4.76 12.33 -19.97
C LYS A 218 -4.22 11.18 -19.12
N TYR A 219 -5.03 10.13 -18.91
CA TYR A 219 -4.54 8.95 -18.19
C TYR A 219 -3.37 8.29 -18.94
N ARG A 220 -3.46 8.20 -20.28
CA ARG A 220 -2.43 7.50 -21.04
C ARG A 220 -1.12 8.27 -21.07
N LYS A 221 -1.16 9.59 -20.91
CA LYS A 221 0.09 10.32 -20.70
C LYS A 221 0.81 9.84 -19.44
N ILE A 222 0.07 9.59 -18.35
CA ILE A 222 0.72 9.10 -17.13
C ILE A 222 1.15 7.64 -17.29
N LEU A 223 0.33 6.84 -17.97
CA LEU A 223 0.67 5.44 -18.22
C LEU A 223 1.95 5.33 -19.04
N SER A 224 2.14 6.25 -19.98
CA SER A 224 3.36 6.28 -20.79
C SER A 224 4.59 6.59 -19.94
N ALA A 225 4.47 7.53 -19.01
CA ALA A 225 5.62 7.94 -18.20
C ALA A 225 6.06 6.86 -17.21
N VAL A 226 5.11 6.24 -16.52
CA VAL A 226 5.46 5.21 -15.55
C VAL A 226 5.79 3.89 -16.24
N SER A 227 5.14 3.63 -17.37
CA SER A 227 5.37 2.44 -18.20
C SER A 227 5.25 1.17 -17.34
N LYS A 228 6.19 0.23 -17.42
CA LYS A 228 6.10 -1.06 -16.75
C LYS A 228 6.40 -0.98 -15.26
N ASN A 229 6.73 0.20 -14.73
CA ASN A 229 6.90 0.31 -13.28
C ASN A 229 5.57 0.25 -12.54
N MET A 230 4.44 0.32 -13.26
CA MET A 230 3.11 0.15 -12.68
C MET A 230 2.35 -0.87 -13.52
N GLN A 231 1.74 -1.85 -12.84
CA GLN A 231 0.89 -2.82 -13.51
C GLN A 231 -0.42 -2.91 -12.75
N THR A 232 -1.52 -3.01 -13.49
CA THR A 232 -2.84 -3.11 -12.87
C THR A 232 -3.79 -3.85 -13.79
N ASN A 233 -4.84 -4.42 -13.19
CA ASN A 233 -5.96 -4.93 -13.99
C ASN A 233 -7.18 -4.02 -13.87
N ILE A 234 -7.00 -2.80 -13.39
CA ILE A 234 -8.08 -1.82 -13.38
C ILE A 234 -8.22 -1.26 -14.80
N GLU A 235 -9.42 -1.35 -15.36
CA GLU A 235 -9.65 -0.89 -16.72
C GLU A 235 -9.68 0.63 -16.77
N ILE A 236 -8.85 1.21 -17.62
CA ILE A 236 -8.76 2.66 -17.81
C ILE A 236 -9.17 2.93 -19.25
N SER A 237 -10.42 3.33 -19.45
CA SER A 237 -10.98 3.49 -20.79
C SER A 237 -11.97 4.64 -20.77
N SER A 238 -12.35 5.09 -21.98
CA SER A 238 -13.38 6.14 -22.08
C SER A 238 -14.64 5.73 -21.34
N SER A 239 -14.95 4.43 -21.33
CA SER A 239 -16.13 3.92 -20.63
C SER A 239 -15.98 4.04 -19.12
N THR A 240 -14.78 3.81 -18.57
CA THR A 240 -14.63 3.82 -17.12
C THR A 240 -14.28 5.18 -16.55
N ILE A 241 -13.78 6.11 -17.37
CA ILE A 241 -13.42 7.45 -16.85
C ILE A 241 -14.55 8.08 -16.05
N PRO A 242 -15.82 8.10 -16.52
CA PRO A 242 -16.89 8.69 -15.70
C PRO A 242 -16.95 8.15 -14.28
N LYS A 243 -16.73 6.85 -14.10
CA LYS A 243 -16.78 6.26 -12.77
C LYS A 243 -15.60 6.70 -11.91
N LEU A 244 -14.37 6.64 -12.44
CA LEU A 244 -13.23 7.08 -11.63
C LEU A 244 -13.35 8.55 -11.23
N LEU A 245 -13.91 9.38 -12.11
CA LEU A 245 -14.18 10.76 -11.73
C LEU A 245 -15.12 10.82 -10.53
N GLY A 246 -16.02 9.84 -10.41
CA GLY A 246 -16.98 9.82 -9.32
C GLY A 246 -16.37 9.59 -7.95
N TYR A 247 -15.13 9.11 -7.91
CA TYR A 247 -14.48 8.85 -6.63
C TYR A 247 -13.65 10.03 -6.14
N SER A 248 -13.64 11.14 -6.88
CA SER A 248 -12.86 12.30 -6.48
C SER A 248 -13.19 12.74 -5.06
N ASP A 249 -14.46 12.70 -4.68
CA ASP A 249 -14.87 13.05 -3.31
C ASP A 249 -15.21 11.79 -2.50
N ALA A 250 -14.37 10.78 -2.60
CA ALA A 250 -14.34 9.69 -1.62
C ALA A 250 -13.05 9.63 -0.85
N LEU A 251 -11.97 10.21 -1.39
CA LEU A 251 -10.66 10.19 -0.75
C LEU A 251 -10.61 10.97 0.55
N LYS A 252 -11.62 11.78 0.82
CA LYS A 252 -11.63 12.60 2.04
C LYS A 252 -12.29 11.89 3.21
N SER A 253 -12.92 10.74 3.00
CA SER A 253 -13.56 10.00 4.08
C SER A 253 -13.01 8.58 4.25
N ILE A 254 -11.87 8.26 3.63
CA ILE A 254 -11.30 6.92 3.76
C ILE A 254 -10.93 6.65 5.21
N ARG A 255 -11.45 5.56 5.77
CA ARG A 255 -11.02 5.09 7.08
C ARG A 255 -9.81 4.17 6.90
N THR A 256 -8.80 4.33 7.76
CA THR A 256 -7.59 3.53 7.63
C THR A 256 -7.39 2.66 8.87
N TYR A 257 -6.84 1.47 8.63
CA TYR A 257 -6.68 0.45 9.64
C TYR A 257 -5.33 -0.22 9.43
N GLN A 258 -4.88 -0.93 10.45
CA GLN A 258 -3.60 -1.61 10.33
C GLN A 258 -3.73 -3.01 10.90
N LEU A 259 -3.16 -3.98 10.20
CA LEU A 259 -3.04 -5.35 10.69
C LEU A 259 -1.60 -5.56 11.15
N LYS A 260 -1.42 -5.76 12.46
CA LYS A 260 -0.10 -5.94 13.05
C LYS A 260 -0.10 -7.17 13.95
N GLY A 261 1.09 -7.73 14.19
CA GLY A 261 1.24 -8.92 14.99
C GLY A 261 2.15 -8.67 16.19
N GLU A 262 2.21 -9.67 17.07
CA GLU A 262 3.10 -9.61 18.22
C GLU A 262 4.55 -9.73 17.77
N GLY A 263 5.39 -8.81 18.22
CA GLY A 263 6.78 -8.80 17.79
C GLY A 263 7.54 -10.00 18.33
N THR A 264 8.30 -10.66 17.44
CA THR A 264 9.04 -11.87 17.77
C THR A 264 10.38 -11.79 17.04
N THR A 265 11.45 -12.29 17.67
CA THR A 265 12.75 -12.36 17.01
C THR A 265 13.06 -13.81 16.66
N ILE A 266 13.27 -14.07 15.37
CA ILE A 266 13.62 -15.41 14.88
C ILE A 266 14.88 -15.30 14.04
N ASP A 267 15.92 -16.04 14.44
CA ASP A 267 17.22 -16.01 13.78
C ASP A 267 17.68 -14.56 13.52
N GLY A 268 17.57 -13.73 14.55
CA GLY A 268 18.03 -12.37 14.48
C GLY A 268 17.16 -11.40 13.71
N GLY A 269 16.08 -11.88 13.07
CA GLY A 269 15.21 -11.04 12.29
C GLY A 269 13.92 -10.70 13.01
N SER A 270 13.26 -9.64 12.56
CA SER A 270 12.05 -9.14 13.21
C SER A 270 10.82 -9.71 12.53
N TYR A 271 10.00 -10.44 13.29
CA TYR A 271 8.78 -11.04 12.77
C TYR A 271 7.60 -10.59 13.61
N GLN A 272 6.41 -10.64 13.02
CA GLN A 272 5.16 -10.40 13.73
C GLN A 272 4.25 -11.60 13.58
N LEU A 273 3.65 -12.03 14.70
CA LEU A 273 2.70 -13.13 14.74
C LEU A 273 1.33 -12.57 15.09
N VAL A 274 0.41 -12.59 14.13
CA VAL A 274 -0.92 -12.04 14.38
C VAL A 274 -1.68 -12.97 15.32
N THR A 275 -2.43 -12.39 16.25
CA THR A 275 -3.26 -13.19 17.12
C THR A 275 -4.56 -13.58 16.40
N SER A 276 -5.15 -14.68 16.87
CA SER A 276 -6.46 -15.10 16.37
C SER A 276 -7.48 -13.99 16.48
N LYS A 277 -7.49 -13.29 17.62
CA LYS A 277 -8.45 -12.22 17.84
C LYS A 277 -8.27 -11.09 16.82
N GLU A 278 -7.03 -10.63 16.64
CA GLU A 278 -6.82 -9.47 15.78
C GLU A 278 -7.02 -9.80 14.32
N LEU A 279 -6.64 -11.02 13.91
CA LEU A 279 -6.86 -11.41 12.52
C LEU A 279 -8.35 -11.56 12.22
N LEU A 280 -9.08 -12.22 13.12
CA LEU A 280 -10.53 -12.32 12.93
C LEU A 280 -11.15 -10.94 12.79
N LYS A 281 -10.71 -9.99 13.62
CA LYS A 281 -11.27 -8.64 13.59
C LYS A 281 -10.98 -7.96 12.26
N ALA A 282 -9.76 -8.10 11.76
CA ALA A 282 -9.41 -7.46 10.49
C ALA A 282 -10.12 -8.13 9.32
N GLN A 283 -10.19 -9.47 9.32
CA GLN A 283 -10.91 -10.18 8.28
C GLN A 283 -12.39 -9.79 8.24
N ASN A 284 -13.03 -9.77 9.40
CA ASN A 284 -14.45 -9.52 9.43
C ASN A 284 -14.78 -8.08 9.09
N ARG A 285 -13.92 -7.13 9.46
CA ARG A 285 -14.16 -5.74 9.07
C ARG A 285 -14.16 -5.61 7.55
N ILE A 286 -13.15 -6.21 6.90
CA ILE A 286 -13.07 -6.17 5.43
C ILE A 286 -14.24 -6.89 4.81
N LYS A 287 -14.59 -8.08 5.34
CA LYS A 287 -15.73 -8.82 4.83
C LYS A 287 -17.01 -8.01 4.98
N GLY A 288 -17.13 -7.29 6.09
CA GLY A 288 -18.30 -6.46 6.30
C GLY A 288 -18.44 -5.37 5.26
N GLN A 289 -17.31 -4.78 4.84
CA GLN A 289 -17.34 -3.77 3.79
C GLN A 289 -17.63 -4.39 2.42
N LEU A 290 -17.27 -5.65 2.25
CA LEU A 290 -17.43 -6.30 0.96
C LEU A 290 -18.75 -7.03 0.84
N GLY A 291 -19.58 -7.03 1.89
CA GLY A 291 -20.84 -7.74 1.82
C GLY A 291 -20.68 -9.24 1.87
N LEU A 292 -19.67 -9.73 2.56
CA LEU A 292 -19.37 -11.15 2.61
C LEU A 292 -19.70 -11.68 4.00
N LYS A 293 -20.04 -12.97 4.04
CA LYS A 293 -20.32 -13.64 5.31
C LYS A 293 -19.09 -13.62 6.23
N LYS A 294 -19.30 -13.21 7.47
CA LYS A 294 -18.21 -13.15 8.42
C LYS A 294 -17.95 -14.51 9.05
N SER A 295 -16.76 -14.66 9.63
CA SER A 295 -16.30 -15.88 10.28
C SER A 295 -16.44 -15.77 11.79
N THR A 296 -16.47 -16.92 12.44
CA THR A 296 -16.31 -16.98 13.89
C THR A 296 -14.90 -17.44 14.23
N ALA A 297 -14.57 -17.32 15.52
CA ALA A 297 -13.27 -17.78 15.99
C ALA A 297 -13.06 -19.25 15.71
N GLU A 298 -14.12 -20.04 15.71
CA GLU A 298 -14.03 -21.48 15.53
C GLU A 298 -13.91 -21.91 14.06
N ASN A 299 -14.33 -21.08 13.10
CA ASN A 299 -14.15 -21.42 11.69
C ASN A 299 -13.27 -20.41 10.97
N LEU A 300 -12.42 -19.70 11.71
CA LEU A 300 -11.43 -18.80 11.11
C LEU A 300 -10.51 -19.57 10.18
N LYS A 301 -10.34 -19.07 8.96
CA LYS A 301 -9.45 -19.66 7.96
C LYS A 301 -8.36 -18.65 7.62
N THR A 302 -7.10 -19.09 7.68
CA THR A 302 -5.99 -18.22 7.34
C THR A 302 -4.75 -19.06 7.11
N THR A 303 -3.83 -18.51 6.29
CA THR A 303 -2.47 -19.05 6.19
C THR A 303 -1.46 -18.31 7.05
N ALA A 304 -1.89 -17.30 7.79
CA ALA A 304 -0.99 -16.64 8.72
C ALA A 304 -0.58 -17.61 9.81
N SER A 305 0.65 -17.45 10.33
CA SER A 305 1.13 -18.16 11.50
C SER A 305 0.54 -17.50 12.75
N LEU A 306 -0.53 -18.08 13.27
CA LEU A 306 -1.19 -17.47 14.41
C LEU A 306 -0.30 -17.58 15.65
N TYR A 307 -0.32 -16.51 16.44
CA TYR A 307 0.45 -16.47 17.68
C TYR A 307 0.14 -17.67 18.57
N GLU A 308 -1.14 -18.04 18.66
CA GLU A 308 -1.55 -19.09 19.58
C GLU A 308 -1.09 -20.48 19.14
N ASN A 309 -0.84 -20.68 17.85
CA ASN A 309 -0.30 -21.93 17.35
C ASN A 309 1.22 -21.95 17.31
N PHE A 310 1.84 -20.77 17.22
CA PHE A 310 3.29 -20.68 17.32
C PHE A 310 3.77 -21.08 18.70
N TYR A 311 3.10 -20.61 19.74
CA TYR A 311 3.52 -20.87 21.13
C TYR A 311 2.68 -21.98 21.78
#